data_8JT4
#
_entry.id   8JT4
#
_cell.length_a   71.998
_cell.length_b   71.998
_cell.length_c   52.416
_cell.angle_alpha   90.000
_cell.angle_beta   90.000
_cell.angle_gamma   120.000
#
_symmetry.space_group_name_H-M   'P 31'
#
loop_
_entity.id
_entity.type
_entity.pdbx_description
1 polymer 'Alginate lyase'
2 water water
#
_entity_poly.entity_id   1
_entity_poly.type   'polypeptide(L)'
_entity_poly.pdbx_seq_one_letter_code
;SKTAKIDWSHWTVTVPEENPDKPGKPYSLGYPEILNYAEDKIASKYMYDDPKDKSVVFYAFPSGVTTANTHYSRSELRET
METGSNKVNWTFAKGGKMRGTYAIDDISKEPDGKYSRVIIAQIHGVLTDEQRDLIGQKDNNAPPILKVYWDKGKIRVKTK
VLKDLNAPYKEMLSEDAWGDDEGRNFKEKIDLNTRFTLEVKVSDGRMEVILNDTESLVYDDIHMKKWGIFENYFKAGNYF
QSKTPGTFAKVKIYSLQVTHL
;
_entity_poly.pdbx_strand_id   A
#
# COMPACT_ATOMS: atom_id res chain seq x y z
N SER A 1 -22.08 12.48 -3.57
CA SER A 1 -22.03 11.41 -2.57
C SER A 1 -21.74 11.99 -1.20
N LYS A 2 -22.32 11.37 -0.17
CA LYS A 2 -22.06 11.78 1.20
C LYS A 2 -20.70 11.29 1.70
N THR A 3 -20.09 10.32 1.03
CA THR A 3 -18.86 9.69 1.51
C THR A 3 -17.76 9.83 0.45
N ALA A 4 -16.55 9.44 0.85
CA ALA A 4 -15.39 9.55 -0.03
C ALA A 4 -15.63 8.76 -1.33
N LYS A 5 -14.98 9.21 -2.41
CA LYS A 5 -15.12 8.55 -3.72
C LYS A 5 -14.13 7.38 -3.80
N ILE A 6 -14.55 6.24 -3.26
CA ILE A 6 -13.79 5.00 -3.25
C ILE A 6 -14.72 3.91 -3.77
N ASP A 7 -14.23 3.11 -4.71
CA ASP A 7 -15.04 2.03 -5.28
C ASP A 7 -14.74 0.79 -4.44
N TRP A 8 -15.62 0.50 -3.49
CA TRP A 8 -15.39 -0.60 -2.56
C TRP A 8 -15.44 -1.97 -3.23
N SER A 9 -15.96 -2.05 -4.45
CA SER A 9 -16.00 -3.36 -5.10
C SER A 9 -14.62 -3.86 -5.51
N HIS A 10 -13.58 -3.01 -5.40
CA HIS A 10 -12.25 -3.37 -5.87
C HIS A 10 -11.20 -3.31 -4.79
N TRP A 11 -11.59 -3.42 -3.51
CA TRP A 11 -10.64 -3.40 -2.41
C TRP A 11 -11.07 -4.36 -1.31
N THR A 12 -10.08 -4.91 -0.60
CA THR A 12 -10.29 -5.49 0.72
C THR A 12 -9.55 -4.61 1.71
N VAL A 13 -9.96 -4.67 2.96
CA VAL A 13 -9.29 -3.91 4.02
C VAL A 13 -8.84 -4.86 5.12
N THR A 14 -7.66 -4.60 5.67
CA THR A 14 -7.18 -5.26 6.89
C THR A 14 -6.91 -4.18 7.92
N VAL A 15 -7.27 -4.45 9.17
CA VAL A 15 -7.20 -3.46 10.25
C VAL A 15 -6.25 -3.93 11.36
N PRO A 16 -5.94 -3.09 12.36
CA PRO A 16 -4.98 -3.50 13.41
C PRO A 16 -5.51 -4.55 14.37
N GLU A 17 -6.83 -4.71 14.50
CA GLU A 17 -7.39 -5.52 15.56
C GLU A 17 -7.50 -6.99 15.17
N GLU A 18 -7.31 -7.85 16.16
CA GLU A 18 -7.37 -9.29 15.92
C GLU A 18 -8.79 -9.72 15.53
N ASN A 19 -8.86 -10.65 14.58
CA ASN A 19 -10.13 -11.29 14.26
C ASN A 19 -10.49 -12.24 15.39
N PRO A 20 -11.64 -12.10 16.04
CA PRO A 20 -11.97 -13.00 17.14
C PRO A 20 -12.11 -14.45 16.71
N ASP A 21 -12.54 -14.69 15.48
CA ASP A 21 -12.71 -16.03 14.94
C ASP A 21 -11.41 -16.65 14.45
N LYS A 22 -10.34 -15.85 14.30
CA LYS A 22 -9.05 -16.34 13.83
C LYS A 22 -7.96 -15.73 14.70
N PRO A 23 -7.48 -16.44 15.71
CA PRO A 23 -6.48 -15.87 16.63
C PRO A 23 -5.18 -15.53 15.91
N GLY A 24 -4.55 -14.44 16.34
CA GLY A 24 -3.27 -14.00 15.82
C GLY A 24 -3.32 -13.37 14.44
N LYS A 25 -4.49 -13.32 13.80
CA LYS A 25 -4.62 -12.75 12.47
C LYS A 25 -5.46 -11.48 12.53
N PRO A 26 -5.07 -10.44 11.79
CA PRO A 26 -5.88 -9.22 11.74
C PRO A 26 -7.23 -9.43 11.06
N TYR A 27 -8.23 -8.72 11.58
CA TYR A 27 -9.55 -8.69 10.97
C TYR A 27 -9.48 -8.06 9.59
N SER A 28 -10.30 -8.58 8.68
CA SER A 28 -10.33 -8.09 7.30
C SER A 28 -11.75 -8.20 6.77
N LEU A 29 -12.04 -7.39 5.76
CA LEU A 29 -13.32 -7.42 5.07
C LEU A 29 -13.09 -7.34 3.57
N GLY A 30 -13.84 -8.14 2.82
CA GLY A 30 -13.86 -8.04 1.36
C GLY A 30 -15.25 -7.72 0.88
N TYR A 31 -15.45 -7.76 -0.43
CA TYR A 31 -16.77 -7.45 -0.97
C TYR A 31 -17.72 -8.64 -0.80
N PRO A 32 -19.00 -8.39 -0.47
CA PRO A 32 -19.62 -7.07 -0.26
C PRO A 32 -19.61 -6.58 1.18
N GLU A 33 -19.17 -7.41 2.13
CA GLU A 33 -19.26 -7.01 3.54
C GLU A 33 -18.48 -5.74 3.86
N ILE A 34 -17.43 -5.42 3.09
CA ILE A 34 -16.68 -4.18 3.31
C ILE A 34 -17.58 -2.96 3.25
N LEU A 35 -18.67 -3.01 2.46
CA LEU A 35 -19.59 -1.88 2.37
C LEU A 35 -20.19 -1.52 3.71
N ASN A 36 -20.22 -2.45 4.66
CA ASN A 36 -20.78 -2.21 5.99
C ASN A 36 -19.76 -1.65 6.97
N TYR A 37 -18.62 -1.15 6.49
CA TYR A 37 -17.53 -0.75 7.41
C TYR A 37 -18.01 0.19 8.51
N ALA A 38 -18.87 1.16 8.20
CA ALA A 38 -19.26 2.14 9.22
C ALA A 38 -20.02 1.49 10.38
N GLU A 39 -20.69 0.37 10.13
CA GLU A 39 -21.47 -0.33 11.14
C GLU A 39 -20.79 -1.57 11.68
N ASP A 40 -19.56 -1.86 11.26
CA ASP A 40 -18.85 -3.03 11.74
C ASP A 40 -18.18 -2.69 13.07
N LYS A 41 -18.49 -3.45 14.12
CA LYS A 41 -18.01 -3.12 15.46
C LYS A 41 -16.49 -3.10 15.54
N ILE A 42 -15.80 -3.94 14.77
CA ILE A 42 -14.35 -3.93 14.75
C ILE A 42 -13.81 -2.93 13.73
N ALA A 43 -14.24 -3.04 12.47
CA ALA A 43 -13.60 -2.27 11.41
C ALA A 43 -13.83 -0.78 11.56
N SER A 44 -14.98 -0.37 12.10
CA SER A 44 -15.31 1.05 12.16
C SER A 44 -14.41 1.81 13.13
N LYS A 45 -13.66 1.11 13.99
CA LYS A 45 -12.70 1.79 14.85
C LYS A 45 -11.50 2.26 14.05
N TYR A 46 -11.25 1.67 12.88
CA TYR A 46 -10.01 1.86 12.16
C TYR A 46 -10.19 2.37 10.74
N MET A 47 -11.39 2.21 10.16
CA MET A 47 -11.73 2.76 8.85
C MET A 47 -13.12 3.34 9.01
N TYR A 48 -13.21 4.67 9.00
CA TYR A 48 -14.48 5.28 9.32
C TYR A 48 -14.64 6.59 8.55
N ASP A 49 -15.88 7.03 8.44
CA ASP A 49 -16.19 8.24 7.67
C ASP A 49 -15.99 9.49 8.51
N ASP A 50 -15.50 10.55 7.86
CA ASP A 50 -15.65 11.90 8.39
C ASP A 50 -16.66 12.61 7.51
N PRO A 51 -17.93 12.70 7.93
CA PRO A 51 -18.95 13.30 7.06
C PRO A 51 -18.78 14.78 6.87
N LYS A 52 -17.99 15.44 7.74
CA LYS A 52 -17.81 16.87 7.62
C LYS A 52 -17.01 17.23 6.38
N ASP A 53 -16.02 16.42 6.01
CA ASP A 53 -15.26 16.71 4.80
C ASP A 53 -15.30 15.58 3.77
N LYS A 54 -16.16 14.58 3.97
CA LYS A 54 -16.37 13.51 2.98
C LYS A 54 -15.09 12.70 2.75
N SER A 55 -14.38 12.41 3.83
CA SER A 55 -13.20 11.55 3.77
C SER A 55 -13.47 10.24 4.50
N VAL A 56 -12.59 9.26 4.23
CA VAL A 56 -12.50 8.06 5.04
C VAL A 56 -11.18 8.12 5.79
N VAL A 57 -11.23 7.89 7.09
CA VAL A 57 -10.07 7.92 7.96
C VAL A 57 -9.56 6.50 8.17
N PHE A 58 -8.27 6.29 7.92
CA PHE A 58 -7.60 5.03 8.21
C PHE A 58 -6.69 5.26 9.42
N TYR A 59 -7.02 4.61 10.51
CA TYR A 59 -6.40 4.83 11.82
C TYR A 59 -5.64 3.57 12.20
N ALA A 60 -4.34 3.70 12.43
CA ALA A 60 -3.51 2.55 12.76
C ALA A 60 -2.46 2.96 13.79
N PHE A 61 -1.93 1.94 14.45
CA PHE A 61 -1.06 2.10 15.61
C PHE A 61 -0.55 0.70 15.95
N PRO A 62 0.50 0.59 16.75
CA PRO A 62 0.99 -0.75 17.09
C PRO A 62 -0.02 -1.48 17.96
N SER A 63 -0.60 -2.51 17.39
CA SER A 63 -1.56 -3.36 18.05
C SER A 63 -0.99 -4.73 18.40
N GLY A 64 0.19 -5.07 17.87
CA GLY A 64 0.74 -6.40 17.97
C GLY A 64 0.10 -7.46 17.10
N VAL A 65 -0.84 -7.08 16.24
CA VAL A 65 -1.53 -8.02 15.34
C VAL A 65 -1.17 -7.62 13.92
N THR A 66 -0.41 -8.47 13.22
CA THR A 66 0.06 -8.25 11.86
C THR A 66 -0.13 -9.52 11.04
N THR A 67 0.14 -9.44 9.74
CA THR A 67 0.06 -10.61 8.88
C THR A 67 1.45 -11.24 8.71
N ALA A 68 1.48 -12.35 7.96
CA ALA A 68 2.67 -13.20 7.94
C ALA A 68 3.86 -12.52 7.29
N ASN A 69 3.64 -11.77 6.20
CA ASN A 69 4.72 -11.11 5.49
C ASN A 69 4.74 -9.60 5.71
N THR A 70 4.16 -9.12 6.80
CA THR A 70 4.09 -7.69 7.09
C THR A 70 4.52 -7.43 8.53
N HIS A 71 5.39 -6.43 8.70
CA HIS A 71 6.08 -6.20 9.96
C HIS A 71 5.24 -5.42 10.98
N TYR A 72 4.61 -4.33 10.55
CA TYR A 72 3.94 -3.39 11.42
C TYR A 72 2.43 -3.57 11.31
N SER A 73 1.69 -2.83 12.15
CA SER A 73 0.23 -2.86 12.01
C SER A 73 -0.25 -1.92 10.90
N ARG A 74 -1.47 -2.19 10.42
CA ARG A 74 -1.99 -1.44 9.29
C ARG A 74 -3.50 -1.30 9.36
N SER A 75 -4.00 -0.22 8.75
CA SER A 75 -5.41 -0.12 8.33
C SER A 75 -5.30 0.30 6.88
N GLU A 76 -5.42 -0.68 5.97
CA GLU A 76 -4.92 -0.50 4.61
C GLU A 76 -5.74 -1.34 3.64
N LEU A 77 -5.95 -0.76 2.47
CA LEU A 77 -6.70 -1.41 1.38
C LEU A 77 -5.77 -2.20 0.49
N ARG A 78 -6.25 -3.35 0.02
CA ARG A 78 -5.56 -4.17 -0.96
C ARG A 78 -6.43 -4.30 -2.20
N GLU A 79 -5.87 -3.96 -3.36
CA GLU A 79 -6.63 -3.95 -4.60
C GLU A 79 -7.00 -5.36 -5.06
N THR A 80 -8.26 -5.51 -5.48
CA THR A 80 -8.76 -6.70 -6.18
C THR A 80 -9.33 -6.21 -7.50
N MET A 81 -8.53 -6.31 -8.57
CA MET A 81 -8.98 -5.84 -9.88
C MET A 81 -10.19 -6.59 -10.39
N GLU A 82 -10.41 -7.83 -9.94
CA GLU A 82 -11.67 -8.53 -10.14
C GLU A 82 -12.38 -8.57 -8.80
N THR A 83 -13.61 -8.04 -8.75
CA THR A 83 -14.39 -7.99 -7.53
C THR A 83 -14.54 -9.39 -6.94
N GLY A 84 -14.10 -9.55 -5.69
CA GLY A 84 -14.26 -10.80 -4.98
C GLY A 84 -13.10 -11.78 -5.05
N SER A 85 -11.98 -11.40 -5.68
CA SER A 85 -10.87 -12.34 -5.87
C SER A 85 -9.53 -11.70 -5.54
N ASN A 86 -8.67 -12.48 -4.85
CA ASN A 86 -7.30 -12.09 -4.56
C ASN A 86 -6.30 -12.66 -5.55
N LYS A 87 -6.70 -13.58 -6.40
CA LYS A 87 -5.77 -14.30 -7.26
C LYS A 87 -5.66 -13.72 -8.66
N VAL A 88 -6.47 -12.73 -9.00
CA VAL A 88 -6.37 -12.06 -10.29
C VAL A 88 -5.61 -10.75 -10.08
N ASN A 89 -4.41 -10.66 -10.66
CA ASN A 89 -3.53 -9.52 -10.47
C ASN A 89 -2.89 -9.20 -11.80
N TRP A 90 -2.12 -8.11 -11.85
CA TRP A 90 -1.67 -7.51 -13.10
C TRP A 90 -0.15 -7.41 -13.19
N THR A 91 0.38 -7.66 -14.39
CA THR A 91 1.80 -7.47 -14.66
C THR A 91 2.07 -6.01 -15.03
N PHE A 92 3.33 -5.61 -14.96
CA PHE A 92 3.69 -4.27 -15.40
C PHE A 92 3.35 -4.04 -16.87
N ALA A 93 3.48 -5.08 -17.70
CA ALA A 93 3.15 -4.92 -19.11
C ALA A 93 1.67 -4.67 -19.33
N LYS A 94 0.81 -5.33 -18.54
CA LYS A 94 -0.62 -4.99 -18.58
C LYS A 94 -0.85 -3.56 -18.10
N GLY A 95 -0.17 -3.17 -17.03
CA GLY A 95 -0.19 -1.82 -16.55
C GLY A 95 -1.29 -1.56 -15.54
N GLY A 96 -1.22 -0.39 -14.93
CA GLY A 96 -2.21 0.03 -13.98
C GLY A 96 -2.00 1.48 -13.60
N LYS A 97 -3.07 2.15 -13.19
CA LYS A 97 -2.98 3.54 -12.73
C LYS A 97 -3.79 3.67 -11.46
N MET A 98 -3.22 4.32 -10.44
CA MET A 98 -3.92 4.63 -9.20
C MET A 98 -3.83 6.13 -8.94
N ARG A 99 -4.97 6.76 -8.69
CA ARG A 99 -5.04 8.17 -8.31
C ARG A 99 -5.68 8.25 -6.93
N GLY A 100 -5.06 9.00 -6.04
CA GLY A 100 -5.66 9.21 -4.74
C GLY A 100 -5.47 10.63 -4.24
N THR A 101 -6.47 11.13 -3.52
CA THR A 101 -6.34 12.41 -2.81
C THR A 101 -6.31 12.10 -1.32
N TYR A 102 -5.23 12.50 -0.66
CA TYR A 102 -4.94 12.15 0.71
C TYR A 102 -4.79 13.40 1.56
N ALA A 103 -4.83 13.19 2.87
CA ALA A 103 -4.24 14.12 3.83
C ALA A 103 -3.73 13.31 5.01
N ILE A 104 -2.60 13.75 5.57
CA ILE A 104 -2.14 13.17 6.82
C ILE A 104 -2.84 13.92 7.95
N ASP A 105 -3.90 13.32 8.48
CA ASP A 105 -4.79 14.02 9.40
C ASP A 105 -4.16 14.21 10.77
N ASP A 106 -3.38 13.23 11.24
CA ASP A 106 -2.74 13.33 12.55
C ASP A 106 -1.69 12.22 12.61
N ILE A 107 -0.61 12.49 13.34
CA ILE A 107 0.46 11.51 13.46
C ILE A 107 1.25 11.80 14.73
N SER A 108 1.76 10.74 15.34
CA SER A 108 2.54 10.84 16.55
C SER A 108 3.98 11.30 16.25
N LYS A 109 4.68 11.67 17.31
CA LYS A 109 6.12 11.86 17.29
C LYS A 109 6.82 10.70 17.97
N GLU A 110 8.03 10.40 17.48
CA GLU A 110 8.91 9.45 18.11
C GLU A 110 9.59 10.11 19.32
N PRO A 111 10.26 9.32 20.16
CA PRO A 111 10.89 9.91 21.35
C PRO A 111 11.91 10.99 21.07
N ASP A 112 12.52 11.02 19.89
CA ASP A 112 13.46 12.09 19.54
C ASP A 112 12.75 13.37 19.09
N GLY A 113 11.42 13.40 19.07
CA GLY A 113 10.68 14.59 18.69
C GLY A 113 10.37 14.70 17.21
N LYS A 114 10.88 13.79 16.38
CA LYS A 114 10.53 13.78 14.96
C LYS A 114 9.29 12.94 14.75
N TYR A 115 8.53 13.28 13.71
CA TYR A 115 7.29 12.58 13.46
C TYR A 115 7.52 11.11 13.06
N SER A 116 6.62 10.26 13.52
CA SER A 116 6.55 8.88 13.03
C SER A 116 6.24 8.86 11.53
N ARG A 117 6.61 7.76 10.87
CA ARG A 117 6.46 7.61 9.42
C ARG A 117 5.29 6.69 9.08
N VAL A 118 4.70 6.92 7.90
CA VAL A 118 3.55 6.14 7.48
C VAL A 118 3.65 5.87 5.98
N ILE A 119 3.32 4.65 5.57
CA ILE A 119 3.25 4.29 4.15
C ILE A 119 1.79 4.41 3.71
N ILE A 120 1.56 5.18 2.64
CA ILE A 120 0.20 5.52 2.21
C ILE A 120 -0.18 4.91 0.88
N ALA A 121 0.78 4.37 0.13
CA ALA A 121 0.50 3.72 -1.14
C ALA A 121 1.60 2.70 -1.38
N GLN A 122 1.23 1.57 -1.99
CA GLN A 122 2.21 0.55 -2.35
C GLN A 122 1.82 -0.08 -3.69
N ILE A 123 2.81 -0.71 -4.32
CA ILE A 123 2.57 -1.80 -5.27
C ILE A 123 3.26 -3.02 -4.69
N HIS A 124 2.52 -4.10 -4.56
CA HIS A 124 3.02 -5.33 -3.99
C HIS A 124 3.08 -6.39 -5.08
N GLY A 125 4.25 -7.00 -5.26
CA GLY A 125 4.34 -8.14 -6.15
C GLY A 125 3.67 -9.36 -5.55
N VAL A 126 3.30 -10.30 -6.42
CA VAL A 126 2.70 -11.55 -5.99
C VAL A 126 3.04 -12.61 -7.03
N LEU A 127 3.46 -13.78 -6.55
CA LEU A 127 3.78 -14.90 -7.42
C LEU A 127 2.51 -15.55 -7.92
N THR A 128 2.55 -16.04 -9.16
CA THR A 128 1.50 -16.95 -9.56
C THR A 128 1.72 -18.29 -8.86
N ASP A 129 0.66 -19.10 -8.83
CA ASP A 129 0.78 -20.43 -8.25
C ASP A 129 1.85 -21.26 -8.98
N GLU A 130 1.94 -21.14 -10.30
CA GLU A 130 2.97 -21.84 -11.06
C GLU A 130 4.36 -21.42 -10.61
N GLN A 131 4.58 -20.12 -10.42
CA GLN A 131 5.89 -19.64 -9.96
C GLN A 131 6.17 -20.08 -8.53
N ARG A 132 5.18 -19.93 -7.65
CA ARG A 132 5.34 -20.39 -6.27
C ARG A 132 5.78 -21.85 -6.20
N ASP A 133 5.11 -22.71 -6.96
CA ASP A 133 5.45 -24.13 -6.91
C ASP A 133 6.75 -24.46 -7.62
N LEU A 134 7.13 -23.67 -8.63
CA LEU A 134 8.40 -23.89 -9.32
C LEU A 134 9.57 -23.73 -8.36
N ILE A 135 9.50 -22.73 -7.47
CA ILE A 135 10.56 -22.50 -6.50
C ILE A 135 10.24 -23.11 -5.14
N GLY A 136 9.09 -23.74 -5.00
CA GLY A 136 8.74 -24.43 -3.77
C GLY A 136 8.54 -23.53 -2.58
N GLN A 137 7.95 -22.36 -2.79
CA GLN A 137 7.70 -21.40 -1.71
C GLN A 137 6.40 -21.72 -0.97
N LYS A 138 6.39 -21.38 0.31
CA LYS A 138 5.25 -21.67 1.18
C LYS A 138 4.01 -20.86 0.83
N ASP A 139 4.17 -19.73 0.15
CA ASP A 139 3.05 -18.83 -0.16
C ASP A 139 3.37 -18.08 -1.45
N ASN A 140 2.52 -17.12 -1.80
CA ASN A 140 2.67 -16.37 -3.04
C ASN A 140 3.37 -15.03 -2.85
N ASN A 141 4.07 -14.85 -1.75
CA ASN A 141 4.62 -13.53 -1.43
C ASN A 141 5.71 -13.12 -2.40
N ALA A 142 5.76 -11.83 -2.70
CA ALA A 142 6.80 -11.24 -3.54
C ALA A 142 7.05 -9.83 -3.04
N PRO A 143 8.14 -9.19 -3.44
CA PRO A 143 8.56 -7.92 -2.82
C PRO A 143 7.59 -6.78 -3.09
N PRO A 144 7.56 -5.80 -2.21
CA PRO A 144 6.86 -4.54 -2.50
C PRO A 144 7.70 -3.63 -3.37
N ILE A 145 7.44 -3.66 -4.68
CA ILE A 145 8.26 -2.93 -5.64
C ILE A 145 8.16 -1.41 -5.44
N LEU A 146 7.04 -0.92 -4.90
CA LEU A 146 6.85 0.51 -4.65
C LEU A 146 6.28 0.72 -3.25
N LYS A 147 6.90 1.62 -2.51
CA LYS A 147 6.36 2.09 -1.23
C LYS A 147 6.46 3.61 -1.19
N VAL A 148 5.34 4.27 -0.91
CA VAL A 148 5.27 5.73 -0.83
C VAL A 148 4.99 6.10 0.62
N TYR A 149 5.88 6.91 1.20
CA TYR A 149 5.83 7.27 2.60
C TYR A 149 5.48 8.75 2.72
N TRP A 150 4.81 9.10 3.81
CA TRP A 150 4.96 10.43 4.39
C TRP A 150 6.01 10.31 5.49
N ASP A 151 7.10 11.08 5.36
CA ASP A 151 8.27 10.93 6.22
C ASP A 151 8.78 12.33 6.53
N LYS A 152 8.50 12.78 7.76
CA LYS A 152 9.06 14.02 8.28
C LYS A 152 8.85 15.20 7.32
N GLY A 153 7.60 15.36 6.85
CA GLY A 153 7.25 16.48 6.03
C GLY A 153 7.46 16.35 4.54
N LYS A 154 7.92 15.18 4.08
CA LYS A 154 8.16 14.93 2.67
C LYS A 154 7.43 13.66 2.25
N ILE A 155 7.14 13.58 0.95
CA ILE A 155 6.70 12.33 0.34
C ILE A 155 7.94 11.65 -0.21
N ARG A 156 8.20 10.44 0.30
CA ARG A 156 9.42 9.73 -0.01
C ARG A 156 9.07 8.39 -0.66
N VAL A 157 9.81 8.04 -1.70
CA VAL A 157 9.51 6.84 -2.48
C VAL A 157 10.66 5.86 -2.37
N LYS A 158 10.34 4.60 -2.08
CA LYS A 158 11.31 3.50 -2.05
C LYS A 158 10.90 2.45 -3.08
N THR A 159 11.86 2.01 -3.89
CA THR A 159 11.62 0.93 -4.85
C THR A 159 12.67 -0.15 -4.64
N LYS A 160 12.46 -1.29 -5.31
CA LYS A 160 13.37 -2.41 -5.17
C LYS A 160 14.28 -2.51 -6.39
N VAL A 161 15.45 -3.10 -6.17
CA VAL A 161 16.45 -3.33 -7.22
C VAL A 161 16.86 -4.79 -7.16
N LEU A 162 17.13 -5.36 -8.33
CA LEU A 162 17.68 -6.71 -8.40
C LEU A 162 19.15 -6.63 -8.02
N LYS A 163 19.54 -7.39 -6.98
CA LYS A 163 20.88 -7.28 -6.43
C LYS A 163 21.94 -7.85 -7.37
N ASP A 164 21.60 -8.89 -8.12
CA ASP A 164 22.52 -9.54 -9.05
C ASP A 164 21.87 -9.55 -10.42
N LEU A 165 22.35 -8.68 -11.32
CA LEU A 165 21.73 -8.58 -12.64
C LEU A 165 21.89 -9.86 -13.47
N ASN A 166 22.81 -10.74 -13.08
CA ASN A 166 22.97 -12.03 -13.74
C ASN A 166 22.17 -13.14 -13.08
N ALA A 167 21.30 -12.81 -12.11
CA ALA A 167 20.55 -13.83 -11.41
C ALA A 167 19.66 -14.59 -12.39
N PRO A 168 19.61 -15.91 -12.31
CA PRO A 168 18.69 -16.67 -13.15
C PRO A 168 17.24 -16.49 -12.69
N TYR A 169 16.33 -16.96 -13.54
CA TYR A 169 14.90 -16.74 -13.36
C TYR A 169 14.42 -17.21 -12.00
N LYS A 170 14.73 -18.45 -11.63
CA LYS A 170 14.19 -18.96 -10.37
C LYS A 170 14.71 -18.18 -9.17
N GLU A 171 15.94 -17.67 -9.24
CA GLU A 171 16.46 -16.82 -8.18
C GLU A 171 15.73 -15.48 -8.14
N MET A 172 15.46 -14.91 -9.32
CA MET A 172 14.77 -13.63 -9.41
C MET A 172 13.37 -13.69 -8.83
N LEU A 173 12.77 -14.88 -8.75
CA LEU A 173 11.42 -15.01 -8.22
C LEU A 173 11.38 -14.90 -6.70
N SER A 174 12.51 -15.04 -6.03
CA SER A 174 12.50 -15.00 -4.58
C SER A 174 12.80 -13.60 -4.07
N GLU A 175 12.25 -13.28 -2.90
CA GLU A 175 12.41 -11.95 -2.35
C GLU A 175 13.86 -11.64 -2.01
N ASP A 176 14.70 -12.66 -1.76
CA ASP A 176 16.08 -12.41 -1.40
C ASP A 176 16.89 -11.87 -2.55
N ALA A 177 16.39 -11.97 -3.78
CA ALA A 177 17.09 -11.42 -4.93
C ALA A 177 16.96 -9.91 -5.03
N TRP A 178 16.04 -9.31 -4.28
CA TRP A 178 15.66 -7.91 -4.43
C TRP A 178 16.02 -7.12 -3.17
N GLY A 179 16.69 -5.99 -3.36
CA GLY A 179 17.05 -5.11 -2.28
C GLY A 179 16.44 -3.73 -2.49
N ASP A 180 16.70 -2.85 -1.53
CA ASP A 180 16.14 -1.52 -1.57
C ASP A 180 17.02 -0.57 -2.36
N ASP A 181 16.40 0.35 -3.10
CA ASP A 181 17.12 1.46 -3.68
C ASP A 181 17.45 2.48 -2.59
N GLU A 182 18.08 3.59 -2.97
CA GLU A 182 18.47 4.58 -1.97
C GLU A 182 17.34 5.54 -1.60
N GLY A 183 16.19 5.47 -2.26
CA GLY A 183 15.09 6.36 -1.94
C GLY A 183 15.16 7.67 -2.70
N ARG A 184 14.00 8.24 -3.00
CA ARG A 184 13.89 9.55 -3.63
C ARG A 184 12.76 10.32 -2.96
N ASN A 185 12.97 11.61 -2.75
CA ASN A 185 11.97 12.49 -2.15
C ASN A 185 11.50 13.49 -3.19
N PHE A 186 10.18 13.76 -3.18
CA PHE A 186 9.66 14.86 -3.98
C PHE A 186 10.15 16.18 -3.39
N LYS A 187 10.27 17.19 -4.27
CA LYS A 187 10.77 18.49 -3.84
C LYS A 187 9.77 19.22 -2.95
N GLU A 188 8.47 19.11 -3.24
CA GLU A 188 7.45 19.85 -2.52
C GLU A 188 7.21 19.23 -1.15
N LYS A 189 7.47 20.00 -0.10
CA LYS A 189 7.16 19.52 1.23
C LYS A 189 5.65 19.49 1.44
N ILE A 190 5.18 18.46 2.14
CA ILE A 190 3.76 18.23 2.36
C ILE A 190 3.54 18.27 3.86
N ASP A 191 2.84 19.30 4.32
CA ASP A 191 2.61 19.46 5.74
C ASP A 191 1.48 18.53 6.19
N LEU A 192 1.36 18.39 7.51
CA LEU A 192 0.20 17.71 8.06
C LEU A 192 -1.07 18.50 7.75
N ASN A 193 -2.21 17.79 7.76
CA ASN A 193 -3.53 18.41 7.61
C ASN A 193 -3.63 19.19 6.31
N THR A 194 -3.06 18.65 5.23
CA THR A 194 -2.99 19.32 3.93
C THR A 194 -3.34 18.29 2.85
N ARG A 195 -4.38 18.56 2.07
CA ARG A 195 -4.74 17.66 0.99
C ARG A 195 -3.66 17.66 -0.09
N PHE A 196 -3.37 16.48 -0.62
CA PHE A 196 -2.50 16.37 -1.78
C PHE A 196 -2.92 15.17 -2.62
N THR A 197 -2.48 15.16 -3.88
CA THR A 197 -2.77 14.05 -4.77
C THR A 197 -1.52 13.25 -5.07
N LEU A 198 -1.72 11.94 -5.19
CA LEU A 198 -0.72 11.03 -5.69
C LEU A 198 -1.29 10.31 -6.91
N GLU A 199 -0.44 10.12 -7.92
CA GLU A 199 -0.81 9.30 -9.06
C GLU A 199 0.34 8.34 -9.32
N VAL A 200 0.02 7.06 -9.43
CA VAL A 200 1.00 6.02 -9.78
C VAL A 200 0.59 5.45 -11.12
N LYS A 201 1.48 5.56 -12.11
CA LYS A 201 1.19 5.10 -13.47
C LYS A 201 2.22 4.04 -13.82
N VAL A 202 1.75 2.82 -14.11
CA VAL A 202 2.62 1.69 -14.40
C VAL A 202 2.34 1.20 -15.80
N SER A 203 3.41 0.99 -16.57
CA SER A 203 3.31 0.41 -17.89
C SER A 203 4.54 -0.48 -18.08
N ASP A 204 4.70 -1.02 -19.28
CA ASP A 204 5.77 -1.97 -19.52
C ASP A 204 7.13 -1.37 -19.17
N GLY A 205 7.81 -1.94 -18.18
CA GLY A 205 9.13 -1.46 -17.79
C GLY A 205 9.18 -0.04 -17.27
N ARG A 206 8.07 0.48 -16.73
CA ARG A 206 8.03 1.89 -16.36
C ARG A 206 7.06 2.13 -15.22
N MET A 207 7.52 2.83 -14.18
CA MET A 207 6.69 3.22 -13.07
C MET A 207 6.90 4.71 -12.84
N GLU A 208 5.81 5.47 -12.75
CA GLU A 208 5.87 6.91 -12.56
C GLU A 208 5.00 7.27 -11.35
N VAL A 209 5.57 8.05 -10.42
CA VAL A 209 4.85 8.56 -9.25
C VAL A 209 4.78 10.08 -9.37
N ILE A 210 3.58 10.64 -9.26
CA ILE A 210 3.35 12.07 -9.48
C ILE A 210 2.71 12.67 -8.24
N LEU A 211 3.29 13.76 -7.75
CA LEU A 211 2.78 14.47 -6.57
C LEU A 211 2.13 15.78 -7.01
N ASN A 212 0.85 15.95 -6.67
CA ASN A 212 0.11 17.18 -6.97
C ASN A 212 0.11 17.52 -8.46
N ASP A 213 0.16 16.48 -9.30
CA ASP A 213 0.16 16.64 -10.75
C ASP A 213 1.27 17.58 -11.23
N THR A 214 2.38 17.64 -10.49
CA THR A 214 3.51 18.46 -10.93
C THR A 214 4.76 17.62 -11.14
N GLU A 215 5.53 17.37 -10.07
CA GLU A 215 6.76 16.62 -10.21
C GLU A 215 6.47 15.13 -10.37
N SER A 216 7.21 14.48 -11.26
CA SER A 216 7.17 13.04 -11.46
C SER A 216 8.52 12.42 -11.08
N LEU A 217 8.46 11.27 -10.40
CA LEU A 217 9.61 10.42 -10.19
C LEU A 217 9.40 9.21 -11.09
N VAL A 218 10.29 9.03 -12.06
CA VAL A 218 10.14 7.99 -13.08
C VAL A 218 11.19 6.91 -12.83
N TYR A 219 10.75 5.67 -12.88
CA TYR A 219 11.61 4.50 -12.76
C TYR A 219 11.46 3.70 -14.05
N ASP A 220 12.55 3.58 -14.81
CA ASP A 220 12.43 2.98 -16.14
C ASP A 220 13.71 2.27 -16.58
N ASP A 221 14.47 1.73 -15.63
CA ASP A 221 15.74 1.09 -15.96
C ASP A 221 15.59 -0.44 -15.97
N ILE A 222 16.73 -1.14 -15.93
CA ILE A 222 16.73 -2.59 -16.01
C ILE A 222 15.91 -3.23 -14.90
N HIS A 223 15.85 -2.59 -13.72
CA HIS A 223 15.14 -3.20 -12.60
C HIS A 223 13.64 -3.27 -12.86
N MET A 224 13.09 -2.26 -13.55
CA MET A 224 11.68 -2.30 -13.93
C MET A 224 11.42 -3.31 -15.03
N LYS A 225 12.39 -3.52 -15.94
CA LYS A 225 12.25 -4.57 -16.94
C LYS A 225 12.26 -5.95 -16.27
N LYS A 226 13.21 -6.17 -15.37
CA LYS A 226 13.30 -7.45 -14.68
C LYS A 226 12.08 -7.71 -13.81
N TRP A 227 11.49 -6.65 -13.26
CA TRP A 227 10.29 -6.81 -12.43
C TRP A 227 9.09 -7.32 -13.23
N GLY A 228 9.17 -7.28 -14.56
CA GLY A 228 8.06 -7.73 -15.41
C GLY A 228 7.61 -9.15 -15.18
N ILE A 229 8.44 -9.97 -14.53
CA ILE A 229 8.07 -11.36 -14.28
C ILE A 229 6.96 -11.52 -13.24
N PHE A 230 6.67 -10.48 -12.44
CA PHE A 230 5.71 -10.59 -11.35
C PHE A 230 4.33 -10.08 -11.77
N GLU A 231 3.31 -10.57 -11.08
CA GLU A 231 2.03 -9.88 -11.02
C GLU A 231 2.00 -8.98 -9.78
N ASN A 232 1.01 -8.08 -9.75
CA ASN A 232 1.04 -7.00 -8.78
C ASN A 232 -0.36 -6.62 -8.35
N TYR A 233 -0.46 -5.96 -7.19
CA TYR A 233 -1.67 -5.27 -6.79
C TYR A 233 -1.31 -3.97 -6.07
N PHE A 234 -2.20 -2.98 -6.20
CA PHE A 234 -2.02 -1.72 -5.48
C PHE A 234 -2.45 -1.88 -4.02
N LYS A 235 -1.88 -1.03 -3.16
CA LYS A 235 -2.37 -0.85 -1.79
C LYS A 235 -2.46 0.65 -1.50
N ALA A 236 -3.36 1.01 -0.58
CA ALA A 236 -3.51 2.42 -0.21
C ALA A 236 -4.10 2.48 1.19
N GLY A 237 -3.69 3.49 1.96
CA GLY A 237 -4.25 3.65 3.28
C GLY A 237 -3.18 4.00 4.30
N ASN A 238 -3.09 3.21 5.38
CA ASN A 238 -2.21 3.54 6.51
C ASN A 238 -1.49 2.27 6.93
N TYR A 239 -0.23 2.13 6.47
CA TYR A 239 0.66 1.09 6.94
C TYR A 239 1.67 1.80 7.83
N PHE A 240 1.47 1.68 9.14
CA PHE A 240 2.09 2.60 10.09
C PHE A 240 3.46 2.07 10.54
N GLN A 241 4.51 2.86 10.33
CA GLN A 241 5.90 2.38 10.45
C GLN A 241 6.50 2.66 11.82
N SER A 242 5.81 2.28 12.88
CA SER A 242 6.37 2.40 14.22
C SER A 242 5.78 1.35 15.14
N LYS A 243 6.61 0.84 16.06
CA LYS A 243 6.15 0.05 17.19
C LYS A 243 6.31 0.79 18.52
N THR A 244 6.72 2.05 18.49
CA THR A 244 6.96 2.78 19.74
C THR A 244 5.64 2.90 20.51
N PRO A 245 5.60 2.59 21.80
CA PRO A 245 4.35 2.64 22.56
C PRO A 245 3.69 4.01 22.46
N GLY A 246 2.38 4.02 22.16
CA GLY A 246 1.59 5.22 22.08
C GLY A 246 1.57 5.92 20.75
N THR A 247 2.34 5.46 19.76
CA THR A 247 2.36 6.11 18.46
C THR A 247 1.14 5.70 17.63
N PHE A 248 0.86 6.49 16.58
CA PHE A 248 -0.33 6.25 15.76
C PHE A 248 -0.23 7.15 14.53
N ALA A 249 -1.10 6.87 13.55
CA ALA A 249 -1.33 7.79 12.45
C ALA A 249 -2.79 7.72 12.03
N LYS A 250 -3.28 8.83 11.47
CA LYS A 250 -4.59 8.88 10.82
C LYS A 250 -4.39 9.43 9.43
N VAL A 251 -4.74 8.64 8.42
CA VAL A 251 -4.61 9.05 7.03
C VAL A 251 -6.01 9.19 6.46
N LYS A 252 -6.29 10.35 5.87
CA LYS A 252 -7.59 10.57 5.22
C LYS A 252 -7.46 10.33 3.73
N ILE A 253 -8.47 9.69 3.16
CA ILE A 253 -8.59 9.53 1.71
C ILE A 253 -9.92 10.14 1.28
N TYR A 254 -9.86 11.08 0.34
CA TYR A 254 -11.06 11.72 -0.19
C TYR A 254 -11.53 11.12 -1.50
N SER A 255 -10.61 10.49 -2.25
CA SER A 255 -10.87 10.01 -3.60
C SER A 255 -9.80 8.98 -3.86
N LEU A 256 -10.19 7.87 -4.49
CA LEU A 256 -9.24 6.81 -4.80
C LEU A 256 -9.80 6.05 -6.00
N GLN A 257 -9.01 5.97 -7.07
CA GLN A 257 -9.47 5.36 -8.33
C GLN A 257 -8.33 4.53 -8.89
N VAL A 258 -8.64 3.28 -9.29
CA VAL A 258 -7.68 2.42 -9.98
C VAL A 258 -8.26 2.06 -11.34
N THR A 259 -7.44 2.13 -12.37
CA THR A 259 -7.83 1.69 -13.70
C THR A 259 -6.75 0.80 -14.28
N HIS A 260 -7.19 -0.06 -15.21
CA HIS A 260 -6.31 -0.95 -15.98
C HIS A 260 -6.75 -0.90 -17.45
N LEU A 261 -6.76 0.29 -18.02
CA LEU A 261 -7.19 0.44 -19.42
C LEU A 261 -6.11 -0.10 -20.35
#